data_4LUF
#
_entry.id   4LUF
#
_cell.length_a   118.390
_cell.length_b   118.390
_cell.length_c   120.820
_cell.angle_alpha   90.00
_cell.angle_beta   90.00
_cell.angle_gamma   120.00
#
_symmetry.space_group_name_H-M   'P 32 2 1'
#
loop_
_entity.id
_entity.type
_entity.pdbx_description
1 polymer 'Serum albumin'
2 non-polymer (2R)-2-{[(2R)-2-{[(2S)-2-{[(2R)-2-hydroxypropyl]oxy}propyl]oxy}propyl]oxy}propan-1-ol
3 non-polymer '(2S)-2-hydroxybutanedioic acid'
4 non-polymer 'ACETATE ION'
5 non-polymer 'MALONATE ION'
6 non-polymer 'SUCCINIC ACID'
7 non-polymer 'FORMIC ACID'
8 water water
#
_entity_poly.entity_id   1
_entity_poly.type   'polypeptide(L)'
_entity_poly.pdbx_seq_one_letter_code
;DTHKSEIAHRFNDLGEENFQGLVLIAFSQYLQQCPFDEHVKLVKELTEFAKTCVADESHAGCDKSLHTLFGDELCKVATL
RETYGDMADCCEKQEPERNECFLNHKDDSPDLPKLKPEPDTLCAEFKADEKKFWGKYLYEVARRHPYFYAPELLYYANKY
NGVFQECCQAEDKGACLLPKIDAMREKVLASSARQRLRCASIQKFGERALKAWSVARLSQKFPKADFTDVTKIVTDLTKV
HKECCHGDLLECADDRADLAKYICDHQDALSSKLKECCDKPVLEKSHCIAEVDKDAVPENLPPLTADFAEDKEVCKNYQE
AKDVFLGSFLYEYSRRHPEYAVSVLLRLAKEYEATLEDCCAKEDPHACYATVFDKLKHLVDEPQNLIKKNCELFEKHGEY
GFQNALIVRYTRKAPQVSTPTLVEISRSLGKVGTKCCAKPESERMPCTEDYLSLILNRLCVLHEKTPVSEKVTKCCTESL
VNRRPCFSDLTLDETYVPKPFDEKFFTFHADICTLPDTEKQIKKQTALVELLKHKPKATDEQLKTVMENFVAFVDKCCAA
DDKEGCFVLEGPKLVASTQAALA
;
_entity_poly.pdbx_strand_id   A
#
# COMPACT_ATOMS: atom_id res chain seq x y z
N ASP A 1 -13.06 -34.89 -4.92
CA ASP A 1 -12.48 -36.23 -5.23
C ASP A 1 -11.10 -35.94 -5.80
N THR A 2 -10.75 -36.39 -7.02
CA THR A 2 -9.35 -36.15 -7.52
C THR A 2 -8.79 -34.78 -7.04
N HIS A 3 -9.48 -33.72 -7.45
CA HIS A 3 -9.15 -32.37 -7.03
C HIS A 3 -9.49 -32.12 -5.57
N LYS A 4 -9.79 -33.16 -4.79
CA LYS A 4 -9.78 -32.96 -3.33
C LYS A 4 -8.32 -33.01 -3.02
N SER A 5 -7.49 -33.58 -3.87
CA SER A 5 -6.10 -33.36 -3.55
C SER A 5 -5.62 -32.04 -4.09
N GLU A 6 -5.92 -31.02 -3.31
CA GLU A 6 -5.59 -29.66 -3.67
C GLU A 6 -4.06 -29.55 -3.60
N ILE A 7 -3.44 -30.05 -2.51
CA ILE A 7 -1.97 -29.93 -2.39
C ILE A 7 -1.22 -30.52 -3.60
N ALA A 8 -1.68 -31.68 -4.10
CA ALA A 8 -0.99 -32.28 -5.29
C ALA A 8 -1.25 -31.40 -6.53
N HIS A 9 -2.49 -31.05 -6.73
CA HIS A 9 -2.82 -30.06 -7.77
C HIS A 9 -1.90 -28.79 -7.78
N ARG A 10 -1.73 -28.17 -6.60
CA ARG A 10 -0.95 -26.95 -6.54
C ARG A 10 0.54 -27.20 -6.86
N PHE A 11 1.06 -28.28 -6.33
CA PHE A 11 2.45 -28.62 -6.49
C PHE A 11 2.69 -28.91 -7.96
N ASN A 12 1.78 -29.67 -8.57
CA ASN A 12 1.85 -29.87 -10.02
C ASN A 12 1.74 -28.63 -10.80
N ASP A 13 0.80 -27.74 -10.47
CA ASP A 13 0.71 -26.48 -11.21
C ASP A 13 1.94 -25.55 -11.05
N LEU A 14 2.40 -25.36 -9.82
CA LEU A 14 3.37 -24.35 -9.58
C LEU A 14 4.80 -24.88 -9.70
N GLY A 15 4.99 -26.18 -9.57
CA GLY A 15 6.34 -26.71 -9.49
C GLY A 15 6.90 -26.52 -8.09
N GLU A 16 7.93 -27.29 -7.78
CA GLU A 16 8.44 -27.36 -6.43
C GLU A 16 9.01 -26.04 -5.89
N GLU A 17 9.80 -25.34 -6.70
CA GLU A 17 10.45 -24.11 -6.23
C GLU A 17 9.41 -23.08 -5.81
N ASN A 18 8.46 -22.81 -6.70
CA ASN A 18 7.39 -21.86 -6.40
C ASN A 18 6.51 -22.36 -5.28
N PHE A 19 6.24 -23.66 -5.27
CA PHE A 19 5.40 -24.20 -4.19
C PHE A 19 5.99 -23.82 -2.84
N GLN A 20 7.30 -24.11 -2.73
CA GLN A 20 8.01 -23.88 -1.50
C GLN A 20 8.15 -22.42 -1.18
N GLY A 21 8.42 -21.59 -2.17
CA GLY A 21 8.54 -20.20 -1.81
C GLY A 21 7.21 -19.71 -1.35
N LEU A 22 6.10 -20.20 -1.94
CA LEU A 22 4.82 -19.69 -1.49
C LEU A 22 4.46 -20.17 -0.09
N VAL A 23 4.82 -21.43 0.22
CA VAL A 23 4.46 -21.95 1.55
C VAL A 23 5.29 -21.21 2.57
N LEU A 24 6.54 -20.89 2.19
CA LEU A 24 7.42 -20.13 3.08
C LEU A 24 6.87 -18.74 3.39
N ILE A 25 6.39 -18.08 2.31
CA ILE A 25 5.83 -16.78 2.46
C ILE A 25 4.61 -16.83 3.39
N ALA A 26 3.76 -17.85 3.20
CA ALA A 26 2.57 -18.00 4.06
C ALA A 26 2.95 -18.15 5.54
N PHE A 27 3.93 -19.01 5.85
CA PHE A 27 4.22 -19.25 7.28
C PHE A 27 4.76 -17.95 7.89
N SER A 28 5.54 -17.22 7.08
CA SER A 28 6.18 -16.02 7.51
C SER A 28 5.17 -14.92 7.78
N GLN A 29 4.13 -14.80 6.95
CA GLN A 29 3.11 -13.81 7.16
C GLN A 29 2.22 -14.17 8.33
N TYR A 30 1.97 -15.45 8.57
CA TYR A 30 1.14 -15.77 9.75
C TYR A 30 1.89 -15.72 11.07
N LEU A 31 3.13 -16.24 11.10
CA LEU A 31 3.94 -16.31 12.30
C LEU A 31 5.18 -15.47 12.12
N GLN A 32 4.98 -14.16 12.27
CA GLN A 32 5.95 -13.21 11.86
C GLN A 32 7.19 -13.21 12.81
N GLN A 33 7.08 -13.88 13.94
CA GLN A 33 8.11 -13.87 14.90
C GLN A 33 8.82 -15.22 15.07
N CYS A 34 8.59 -16.17 14.19
CA CYS A 34 9.34 -17.44 14.20
C CYS A 34 10.60 -17.31 13.34
N PRO A 35 11.63 -18.05 13.70
CA PRO A 35 12.83 -17.92 12.90
C PRO A 35 12.75 -18.68 11.57
N PHE A 36 13.51 -18.21 10.60
CA PHE A 36 13.63 -18.83 9.28
C PHE A 36 13.77 -20.36 9.41
N ASP A 37 14.60 -20.78 10.37
CA ASP A 37 15.01 -22.20 10.56
C ASP A 37 13.77 -23.02 10.79
N GLU A 38 12.88 -22.50 11.65
CA GLU A 38 11.63 -23.14 11.91
C GLU A 38 10.77 -23.16 10.67
N HIS A 39 10.74 -22.03 9.94
CA HIS A 39 9.82 -21.98 8.83
C HIS A 39 10.26 -22.93 7.74
N VAL A 40 11.56 -23.02 7.51
CA VAL A 40 12.12 -23.96 6.54
C VAL A 40 11.70 -25.41 6.85
N LYS A 41 11.56 -25.73 8.15
CA LYS A 41 11.24 -27.12 8.57
C LYS A 41 9.80 -27.38 8.23
N LEU A 42 8.96 -26.39 8.52
CA LEU A 42 7.54 -26.53 8.17
C LEU A 42 7.32 -26.61 6.68
N VAL A 43 8.05 -25.83 5.89
CA VAL A 43 7.88 -25.85 4.45
C VAL A 43 8.31 -27.25 3.91
N LYS A 44 9.40 -27.78 4.45
CA LYS A 44 9.83 -29.10 4.07
C LYS A 44 8.87 -30.21 4.47
N GLU A 45 8.29 -30.16 5.67
CA GLU A 45 7.24 -31.09 6.00
C GLU A 45 6.11 -31.06 4.97
N LEU A 46 5.64 -29.85 4.60
CA LEU A 46 4.48 -29.76 3.73
C LEU A 46 4.85 -30.12 2.27
N THR A 47 6.08 -29.84 1.88
CA THR A 47 6.51 -30.17 0.54
C THR A 47 6.62 -31.67 0.42
N GLU A 48 7.23 -32.32 1.42
CA GLU A 48 7.33 -33.79 1.48
C GLU A 48 5.95 -34.45 1.43
N PHE A 49 4.97 -33.87 2.12
CA PHE A 49 3.67 -34.42 2.07
C PHE A 49 3.05 -34.20 0.69
N ALA A 50 3.24 -33.02 0.11
CA ALA A 50 2.70 -32.75 -1.22
C ALA A 50 3.21 -33.79 -2.22
N LYS A 51 4.48 -34.12 -2.09
CA LYS A 51 5.14 -35.11 -2.94
C LYS A 51 4.60 -36.51 -2.78
N THR A 52 4.28 -36.89 -1.54
CA THR A 52 3.54 -38.13 -1.31
C THR A 52 2.20 -38.01 -2.03
N CYS A 53 1.49 -36.88 -1.88
CA CYS A 53 0.16 -36.81 -2.53
C CYS A 53 0.28 -36.87 -4.02
N VAL A 54 1.27 -36.22 -4.60
CA VAL A 54 1.46 -36.27 -6.06
C VAL A 54 1.65 -37.71 -6.53
N ALA A 55 2.34 -38.50 -5.73
CA ALA A 55 2.65 -39.84 -6.17
C ALA A 55 1.39 -40.66 -6.07
N ASP A 56 0.67 -40.38 -4.99
CA ASP A 56 -0.53 -41.08 -4.70
C ASP A 56 -1.59 -40.22 -4.07
N GLU A 57 -2.54 -39.76 -4.86
CA GLU A 57 -3.52 -38.85 -4.25
C GLU A 57 -4.45 -39.49 -3.21
N SER A 58 -4.53 -40.82 -3.18
CA SER A 58 -5.45 -41.47 -2.25
C SER A 58 -4.80 -41.65 -0.89
N HIS A 59 -3.52 -41.29 -0.77
CA HIS A 59 -2.87 -41.28 0.55
C HIS A 59 -3.63 -40.49 1.64
N ALA A 60 -3.62 -40.96 2.87
CA ALA A 60 -4.42 -40.35 3.93
C ALA A 60 -4.10 -38.91 4.09
N GLY A 61 -5.13 -38.09 4.19
CA GLY A 61 -4.96 -36.64 4.47
C GLY A 61 -4.74 -35.85 3.18
N CYS A 62 -4.48 -36.53 2.03
CA CYS A 62 -4.19 -35.78 0.79
C CYS A 62 -5.41 -35.05 0.26
N ASP A 63 -6.61 -35.40 0.77
CA ASP A 63 -7.85 -34.78 0.31
C ASP A 63 -8.21 -33.56 1.13
N LYS A 64 -7.60 -33.36 2.29
CA LYS A 64 -7.84 -32.13 3.07
C LYS A 64 -7.59 -30.91 2.22
N SER A 65 -8.41 -29.89 2.42
CA SER A 65 -8.12 -28.56 1.91
C SER A 65 -6.66 -28.17 2.17
N LEU A 66 -6.03 -27.66 1.12
CA LEU A 66 -4.71 -27.06 1.29
C LEU A 66 -4.73 -26.06 2.48
N HIS A 67 -5.76 -25.23 2.57
CA HIS A 67 -5.75 -24.25 3.67
C HIS A 67 -5.94 -24.89 5.02
N THR A 68 -6.70 -25.99 5.08
CA THR A 68 -6.78 -26.84 6.28
C THR A 68 -5.44 -27.48 6.67
N LEU A 69 -4.76 -28.16 5.73
CA LEU A 69 -3.44 -28.72 6.07
C LEU A 69 -2.52 -27.63 6.61
N PHE A 70 -2.67 -26.44 6.06
CA PHE A 70 -1.76 -25.38 6.42
C PHE A 70 -2.09 -24.87 7.82
N GLY A 71 -3.38 -24.59 8.07
CA GLY A 71 -3.79 -24.18 9.43
C GLY A 71 -3.42 -25.25 10.47
N ASP A 72 -3.60 -26.52 10.11
CA ASP A 72 -3.21 -27.62 11.03
C ASP A 72 -1.76 -27.57 11.31
N GLU A 73 -0.89 -27.29 10.34
CA GLU A 73 0.55 -27.16 10.65
C GLU A 73 0.92 -25.99 11.55
N LEU A 74 0.17 -24.89 11.44
CA LEU A 74 0.32 -23.70 12.27
C LEU A 74 -0.01 -24.08 13.71
N CYS A 75 -1.20 -24.62 13.88
CA CYS A 75 -1.64 -25.13 15.16
C CYS A 75 -0.69 -26.17 15.75
N LYS A 76 0.21 -26.72 14.96
CA LYS A 76 1.04 -27.82 15.45
C LYS A 76 2.39 -27.25 15.85
N VAL A 77 2.47 -25.93 15.97
CA VAL A 77 3.72 -25.26 16.38
C VAL A 77 3.74 -25.18 17.93
N ALA A 78 4.75 -25.81 18.53
CA ALA A 78 4.79 -26.05 19.99
C ALA A 78 4.84 -24.76 20.77
N THR A 79 5.61 -23.79 20.29
CA THR A 79 5.73 -22.48 20.94
C THR A 79 4.55 -21.54 20.62
N LEU A 80 3.59 -22.00 19.81
CA LEU A 80 2.47 -21.13 19.34
C LEU A 80 1.81 -20.20 20.41
N ARG A 81 1.43 -20.77 21.57
CA ARG A 81 0.85 -19.94 22.64
C ARG A 81 1.90 -19.13 23.39
N GLU A 82 3.09 -19.70 23.60
CA GLU A 82 4.20 -18.91 24.24
C GLU A 82 4.48 -17.62 23.45
N THR A 83 4.75 -17.75 22.15
CA THR A 83 4.97 -16.59 21.26
C THR A 83 3.70 -15.81 20.95
N TYR A 84 2.64 -16.45 20.44
CA TYR A 84 1.55 -15.63 19.89
C TYR A 84 0.33 -15.50 20.82
N GLY A 85 0.45 -16.02 22.04
CA GLY A 85 -0.63 -15.89 23.00
C GLY A 85 -1.98 -16.27 22.44
N ASP A 86 -2.92 -15.32 22.47
CA ASP A 86 -4.30 -15.51 22.01
C ASP A 86 -4.42 -16.23 20.70
N MET A 87 -3.44 -16.02 19.82
CA MET A 87 -3.47 -16.61 18.52
C MET A 87 -3.79 -18.12 18.59
N ALA A 88 -3.22 -18.80 19.58
CA ALA A 88 -3.51 -20.22 19.78
C ALA A 88 -5.02 -20.56 19.97
N ASP A 89 -5.85 -19.62 20.45
CA ASP A 89 -7.28 -19.91 20.62
C ASP A 89 -7.95 -19.98 19.27
N CYS A 90 -7.19 -19.65 18.22
CA CYS A 90 -7.73 -19.73 16.85
C CYS A 90 -7.91 -21.19 16.54
N CYS A 91 -6.97 -22.01 16.98
CA CYS A 91 -6.99 -23.46 16.76
C CYS A 91 -8.27 -24.22 17.15
N GLU A 92 -8.99 -23.71 18.14
CA GLU A 92 -10.21 -24.36 18.61
C GLU A 92 -11.37 -24.22 17.63
N LYS A 93 -11.19 -23.46 16.55
CA LYS A 93 -12.25 -23.24 15.57
C LYS A 93 -12.13 -24.15 14.33
N GLN A 94 -13.25 -24.34 13.63
CA GLN A 94 -13.33 -24.94 12.29
C GLN A 94 -13.01 -23.86 11.23
N GLU A 95 -12.63 -24.31 10.05
CA GLU A 95 -12.45 -23.37 8.94
C GLU A 95 -13.85 -23.04 8.38
N PRO A 96 -14.08 -21.80 7.95
CA PRO A 96 -13.05 -20.79 7.71
C PRO A 96 -12.81 -19.79 8.87
N GLU A 97 -13.44 -20.07 10.01
CA GLU A 97 -13.32 -19.20 11.22
C GLU A 97 -11.88 -19.26 11.74
N ARG A 98 -11.29 -20.46 11.82
CA ARG A 98 -9.88 -20.58 12.16
C ARG A 98 -8.94 -19.59 11.37
N ASN A 99 -9.09 -19.57 10.05
CA ASN A 99 -8.25 -18.73 9.28
C ASN A 99 -8.51 -17.23 9.56
N GLU A 100 -9.79 -16.91 9.68
CA GLU A 100 -10.21 -15.51 9.83
C GLU A 100 -9.64 -15.04 11.18
N CYS A 101 -9.72 -15.98 12.12
CA CYS A 101 -9.04 -15.81 13.37
C CYS A 101 -7.50 -15.59 13.18
N PHE A 102 -6.79 -16.45 12.45
CA PHE A 102 -5.36 -16.24 12.30
C PHE A 102 -5.10 -14.92 11.66
N LEU A 103 -5.85 -14.60 10.60
CA LEU A 103 -5.61 -13.36 9.86
C LEU A 103 -5.70 -12.17 10.76
N ASN A 104 -6.66 -12.22 11.68
CA ASN A 104 -6.79 -11.14 12.63
C ASN A 104 -5.51 -10.85 13.41
N HIS A 105 -4.71 -11.86 13.63
CA HIS A 105 -3.51 -11.64 14.38
C HIS A 105 -2.33 -11.27 13.51
N LYS A 106 -2.51 -11.06 12.21
CA LYS A 106 -1.38 -10.62 11.40
C LYS A 106 -1.02 -9.23 11.95
N ASP A 107 0.25 -8.91 12.09
CA ASP A 107 0.64 -7.66 12.68
C ASP A 107 1.21 -6.68 11.65
N ASP A 108 0.44 -5.65 11.31
CA ASP A 108 0.88 -4.63 10.34
C ASP A 108 2.08 -3.80 10.87
N SER A 109 2.24 -3.75 12.16
CA SER A 109 3.41 -2.99 12.52
C SER A 109 4.36 -3.77 13.43
N PRO A 110 5.00 -4.83 12.91
CA PRO A 110 5.62 -5.75 13.89
C PRO A 110 6.90 -5.23 14.48
N ASP A 111 7.47 -4.16 13.93
CA ASP A 111 8.63 -3.46 14.51
C ASP A 111 9.86 -4.36 14.75
N LEU A 112 10.21 -5.08 13.69
CA LEU A 112 11.32 -6.01 13.66
C LEU A 112 12.57 -5.18 13.43
N PRO A 113 13.74 -5.69 13.85
CA PRO A 113 14.94 -4.87 13.60
C PRO A 113 15.03 -4.44 12.15
N LYS A 114 15.72 -3.34 11.88
CA LYS A 114 16.07 -2.94 10.51
C LYS A 114 17.13 -3.88 9.95
N LEU A 115 16.91 -4.36 8.72
CA LEU A 115 17.93 -5.11 7.99
C LEU A 115 19.02 -4.14 7.49
N LYS A 116 20.22 -4.24 7.98
CA LYS A 116 21.26 -3.36 7.47
C LYS A 116 22.21 -4.16 6.59
N PRO A 117 22.08 -3.92 5.28
CA PRO A 117 22.80 -4.65 4.24
C PRO A 117 24.31 -4.59 4.50
N GLU A 118 24.92 -5.72 4.83
CA GLU A 118 26.38 -5.80 4.91
C GLU A 118 26.85 -6.51 3.65
N PRO A 119 27.30 -5.75 2.64
CA PRO A 119 27.45 -6.31 1.26
C PRO A 119 28.32 -7.55 1.18
N ASP A 120 29.40 -7.59 1.98
CA ASP A 120 30.32 -8.72 1.97
C ASP A 120 29.69 -9.98 2.55
N THR A 121 28.98 -9.83 3.66
CA THR A 121 28.13 -10.89 4.21
C THR A 121 27.01 -11.31 3.27
N LEU A 122 26.28 -10.34 2.73
CA LEU A 122 25.24 -10.69 1.78
C LEU A 122 25.84 -11.55 0.70
N CYS A 123 27.06 -11.21 0.26
CA CYS A 123 27.63 -11.89 -0.86
C CYS A 123 28.17 -13.26 -0.49
N ALA A 124 28.67 -13.38 0.74
CA ALA A 124 29.14 -14.71 1.24
C ALA A 124 27.97 -15.70 1.35
N GLU A 125 26.88 -15.22 1.95
CA GLU A 125 25.66 -16.00 1.99
C GLU A 125 25.11 -16.33 0.60
N PHE A 126 25.04 -15.34 -0.27
CA PHE A 126 24.52 -15.59 -1.59
C PHE A 126 25.37 -16.66 -2.30
N LYS A 127 26.71 -16.55 -2.19
CA LYS A 127 27.65 -17.53 -2.76
C LYS A 127 27.56 -18.92 -2.15
N ALA A 128 27.41 -18.99 -0.85
CA ALA A 128 27.25 -20.25 -0.12
C ALA A 128 26.10 -21.08 -0.62
N ASP A 129 24.90 -20.53 -0.54
CA ASP A 129 23.66 -21.21 -0.90
C ASP A 129 22.71 -20.15 -1.49
N GLU A 130 22.55 -20.15 -2.81
CA GLU A 130 21.67 -19.19 -3.50
C GLU A 130 20.26 -19.40 -3.08
N LYS A 131 19.87 -20.65 -2.80
CA LYS A 131 18.47 -20.98 -2.59
C LYS A 131 18.07 -20.64 -1.14
N LYS A 132 19.01 -20.78 -0.21
CA LYS A 132 18.74 -20.42 1.15
C LYS A 132 18.74 -18.88 1.23
N PHE A 133 19.65 -18.23 0.53
CA PHE A 133 19.75 -16.79 0.51
C PHE A 133 18.37 -16.16 0.09
N TRP A 134 17.79 -16.68 -1.00
CA TRP A 134 16.49 -16.20 -1.46
C TRP A 134 15.34 -16.52 -0.54
N GLY A 135 15.43 -17.68 0.11
CA GLY A 135 14.42 -18.05 1.08
C GLY A 135 14.43 -17.02 2.21
N LYS A 136 15.62 -16.66 2.69
CA LYS A 136 15.76 -15.76 3.84
C LYS A 136 15.25 -14.36 3.40
N TYR A 137 15.45 -13.97 2.15
CA TYR A 137 14.86 -12.76 1.65
C TYR A 137 13.31 -12.82 1.70
N LEU A 138 12.71 -13.88 1.16
CA LEU A 138 11.23 -14.02 1.21
C LEU A 138 10.72 -13.97 2.65
N TYR A 139 11.37 -14.75 3.49
CA TYR A 139 10.97 -14.73 4.89
C TYR A 139 11.01 -13.32 5.51
N GLU A 140 12.08 -12.59 5.22
CA GLU A 140 12.35 -11.32 5.91
C GLU A 140 11.44 -10.25 5.39
N VAL A 141 11.15 -10.26 4.09
CA VAL A 141 10.17 -9.26 3.62
C VAL A 141 8.78 -9.70 4.08
N ALA A 142 8.50 -10.99 3.94
CA ALA A 142 7.13 -11.46 4.24
C ALA A 142 6.76 -11.25 5.69
N ARG A 143 7.67 -11.51 6.62
CA ARG A 143 7.31 -11.29 8.02
C ARG A 143 7.08 -9.81 8.38
N ARG A 144 7.71 -8.93 7.62
CA ARG A 144 7.56 -7.52 7.86
C ARG A 144 6.32 -6.93 7.23
N HIS A 145 5.79 -7.65 6.24
CA HIS A 145 4.73 -7.14 5.36
C HIS A 145 3.79 -8.28 5.19
N PRO A 146 3.04 -8.57 6.23
CA PRO A 146 2.24 -9.78 6.28
C PRO A 146 1.15 -9.81 5.25
N TYR A 147 0.89 -8.71 4.56
CA TYR A 147 -0.02 -8.79 3.42
C TYR A 147 0.71 -8.62 2.09
N PHE A 148 2.02 -8.77 2.05
CA PHE A 148 2.64 -8.59 0.74
C PHE A 148 2.01 -9.54 -0.33
N TYR A 149 1.80 -9.03 -1.52
CA TYR A 149 1.29 -9.84 -2.63
C TYR A 149 2.32 -10.93 -3.00
N ALA A 150 2.00 -12.16 -2.64
CA ALA A 150 2.96 -13.27 -2.57
C ALA A 150 3.72 -13.57 -3.90
N PRO A 151 2.97 -13.76 -5.03
CA PRO A 151 3.63 -13.98 -6.34
C PRO A 151 4.60 -12.87 -6.80
N GLU A 152 4.25 -11.59 -6.61
CA GLU A 152 5.21 -10.52 -6.82
C GLU A 152 6.44 -10.73 -5.97
N LEU A 153 6.26 -11.20 -4.74
CA LEU A 153 7.44 -11.39 -3.89
C LEU A 153 8.34 -12.47 -4.47
N LEU A 154 7.75 -13.56 -5.00
CA LEU A 154 8.59 -14.57 -5.67
C LEU A 154 9.32 -13.95 -6.82
N TYR A 155 8.61 -13.12 -7.59
CA TYR A 155 9.21 -12.40 -8.71
C TYR A 155 10.45 -11.57 -8.31
N TYR A 156 10.34 -10.75 -7.24
CA TYR A 156 11.43 -9.91 -6.73
C TYR A 156 12.67 -10.71 -6.39
N ALA A 157 12.49 -11.89 -5.82
CA ALA A 157 13.61 -12.78 -5.59
C ALA A 157 14.21 -13.26 -6.90
N ASN A 158 13.41 -13.60 -7.88
CA ASN A 158 14.01 -13.99 -9.16
C ASN A 158 14.72 -12.85 -9.85
N LYS A 159 14.14 -11.64 -9.80
CA LYS A 159 14.63 -10.45 -10.54
C LYS A 159 15.99 -10.04 -9.97
N TYR A 160 16.03 -9.93 -8.65
CA TYR A 160 17.20 -9.42 -8.00
C TYR A 160 18.32 -10.46 -7.86
N ASN A 161 18.15 -11.60 -8.50
CA ASN A 161 19.14 -12.63 -8.37
C ASN A 161 20.26 -12.21 -9.27
N GLY A 162 19.89 -11.61 -10.40
CA GLY A 162 20.85 -11.10 -11.37
C GLY A 162 21.73 -10.07 -10.71
N VAL A 163 21.16 -9.34 -9.73
CA VAL A 163 21.89 -8.31 -8.98
C VAL A 163 23.07 -9.00 -8.31
N PHE A 164 22.73 -9.93 -7.44
CA PHE A 164 23.73 -10.54 -6.67
C PHE A 164 24.70 -11.33 -7.52
N GLN A 165 24.20 -11.95 -8.59
CA GLN A 165 25.05 -12.70 -9.51
C GLN A 165 26.13 -11.80 -10.03
N GLU A 166 25.77 -10.62 -10.57
CA GLU A 166 26.78 -9.68 -11.08
C GLU A 166 27.55 -9.00 -9.95
N CYS A 167 26.86 -8.35 -9.02
CA CYS A 167 27.55 -7.65 -7.95
C CYS A 167 28.51 -8.48 -7.11
N CYS A 168 28.24 -9.76 -6.91
CA CYS A 168 29.05 -10.52 -5.93
C CYS A 168 30.36 -11.07 -6.50
N GLN A 169 30.57 -10.84 -7.80
CA GLN A 169 31.77 -11.23 -8.49
C GLN A 169 32.75 -10.04 -8.52
N ALA A 170 32.25 -8.85 -8.17
CA ALA A 170 33.01 -7.58 -8.12
C ALA A 170 33.84 -7.42 -6.86
N GLU A 171 34.87 -6.57 -6.90
CA GLU A 171 35.72 -6.42 -5.72
C GLU A 171 35.12 -5.34 -4.91
N ASP A 172 34.68 -4.31 -5.57
CA ASP A 172 33.98 -3.28 -4.86
C ASP A 172 32.45 -3.60 -4.74
N LYS A 173 32.14 -4.65 -3.97
CA LYS A 173 30.78 -5.19 -3.77
C LYS A 173 29.71 -4.11 -3.37
N GLY A 174 30.03 -3.29 -2.36
CA GLY A 174 29.09 -2.30 -1.85
C GLY A 174 28.74 -1.19 -2.83
N ALA A 175 29.66 -0.88 -3.73
CA ALA A 175 29.39 0.18 -4.72
C ALA A 175 28.37 -0.35 -5.72
N CYS A 176 28.43 -1.65 -5.94
CA CYS A 176 27.58 -2.30 -6.91
C CYS A 176 26.22 -2.52 -6.26
N LEU A 177 26.22 -3.16 -5.09
CA LEU A 177 24.98 -3.59 -4.47
C LEU A 177 24.10 -2.52 -3.90
N LEU A 178 24.70 -1.53 -3.20
CA LEU A 178 23.94 -0.66 -2.30
C LEU A 178 22.90 0.27 -3.00
N PRO A 179 23.30 0.88 -4.12
CA PRO A 179 22.24 1.53 -4.88
C PRO A 179 21.08 0.58 -5.27
N LYS A 180 21.36 -0.67 -5.63
CA LYS A 180 20.34 -1.60 -6.09
C LYS A 180 19.41 -2.10 -4.98
N ILE A 181 20.00 -2.35 -3.84
CA ILE A 181 19.27 -2.66 -2.65
C ILE A 181 18.35 -1.51 -2.29
N ASP A 182 18.79 -0.27 -2.47
CA ASP A 182 17.91 0.87 -2.20
C ASP A 182 16.68 0.94 -3.07
N ALA A 183 16.89 0.69 -4.36
CA ALA A 183 15.83 0.58 -5.34
C ALA A 183 14.92 -0.62 -5.07
N MET A 184 15.51 -1.79 -4.74
CA MET A 184 14.74 -2.95 -4.35
C MET A 184 13.80 -2.53 -3.24
N ARG A 185 14.37 -1.90 -2.19
CA ARG A 185 13.59 -1.46 -1.04
C ARG A 185 12.46 -0.50 -1.42
N GLU A 186 12.74 0.42 -2.33
CA GLU A 186 11.71 1.30 -2.81
C GLU A 186 10.53 0.51 -3.39
N LYS A 187 10.79 -0.41 -4.35
CA LYS A 187 9.69 -1.10 -5.02
C LYS A 187 8.91 -1.92 -4.00
N VAL A 188 9.64 -2.55 -3.12
CA VAL A 188 9.04 -3.43 -2.14
C VAL A 188 8.03 -2.67 -1.28
N LEU A 189 8.45 -1.53 -0.76
CA LEU A 189 7.53 -0.75 0.07
C LEU A 189 6.33 -0.22 -0.75
N ALA A 190 6.58 0.25 -1.97
CA ALA A 190 5.51 0.69 -2.80
C ALA A 190 4.52 -0.49 -2.94
N SER A 191 5.04 -1.64 -3.34
CA SER A 191 4.25 -2.83 -3.65
C SER A 191 3.42 -3.27 -2.41
N SER A 192 4.06 -3.23 -1.26
CA SER A 192 3.42 -3.55 -0.03
C SER A 192 2.23 -2.65 0.31
N ALA A 193 2.41 -1.35 0.17
CA ALA A 193 1.36 -0.45 0.53
C ALA A 193 0.15 -0.59 -0.45
N ARG A 194 0.44 -0.84 -1.71
CA ARG A 194 -0.56 -1.12 -2.76
C ARG A 194 -1.38 -2.38 -2.35
N GLN A 195 -0.71 -3.47 -1.98
CA GLN A 195 -1.44 -4.69 -1.70
C GLN A 195 -2.26 -4.54 -0.40
N ARG A 196 -1.66 -3.84 0.57
CA ARG A 196 -2.32 -3.46 1.79
C ARG A 196 -3.59 -2.71 1.57
N LEU A 197 -3.59 -1.79 0.61
CA LEU A 197 -4.79 -1.13 0.26
C LEU A 197 -5.81 -2.11 -0.40
N ARG A 198 -5.34 -3.02 -1.23
CA ARG A 198 -6.28 -3.91 -1.91
C ARG A 198 -6.99 -4.77 -0.82
N CYS A 199 -6.23 -5.19 0.21
CA CYS A 199 -6.77 -6.04 1.30
C CYS A 199 -7.67 -5.26 2.21
N ALA A 200 -7.30 -4.01 2.53
CA ALA A 200 -8.12 -3.22 3.40
C ALA A 200 -9.44 -2.93 2.68
N SER A 201 -9.37 -2.63 1.40
CA SER A 201 -10.55 -2.27 0.68
C SER A 201 -11.56 -3.42 0.62
N ILE A 202 -11.07 -4.63 0.35
CA ILE A 202 -11.92 -5.85 0.40
C ILE A 202 -12.54 -6.07 1.78
N GLN A 203 -11.70 -6.06 2.81
CA GLN A 203 -12.09 -6.29 4.20
C GLN A 203 -13.02 -5.21 4.78
N LYS A 204 -12.75 -3.93 4.50
CA LYS A 204 -13.54 -2.88 5.11
C LYS A 204 -14.65 -2.37 4.23
N PHE A 205 -14.50 -2.51 2.91
CA PHE A 205 -15.55 -2.00 2.06
C PHE A 205 -16.14 -3.05 1.16
N GLY A 206 -15.63 -4.26 1.19
CA GLY A 206 -16.20 -5.25 0.32
C GLY A 206 -15.50 -5.44 -1.01
N GLU A 207 -15.45 -6.67 -1.47
CA GLU A 207 -15.02 -7.02 -2.80
C GLU A 207 -15.49 -6.04 -3.89
N ARG A 208 -16.73 -5.61 -3.82
CA ARG A 208 -17.21 -4.61 -4.82
C ARG A 208 -16.37 -3.33 -4.85
N ALA A 209 -15.87 -2.88 -3.70
CA ALA A 209 -15.06 -1.65 -3.69
C ALA A 209 -13.86 -1.92 -4.54
N LEU A 210 -13.17 -3.04 -4.34
CA LEU A 210 -11.99 -3.21 -5.13
C LEU A 210 -12.34 -3.42 -6.62
N LYS A 211 -13.45 -4.10 -6.90
CA LYS A 211 -13.86 -4.21 -8.31
C LYS A 211 -14.06 -2.88 -9.03
N ALA A 212 -14.79 -1.95 -8.43
CA ALA A 212 -15.00 -0.65 -9.01
C ALA A 212 -13.67 -0.01 -9.33
N TRP A 213 -12.80 0.00 -8.35
CA TRP A 213 -11.52 0.63 -8.52
C TRP A 213 -10.75 -0.02 -9.70
N SER A 214 -10.74 -1.36 -9.75
CA SER A 214 -10.09 -2.08 -10.80
C SER A 214 -10.68 -1.85 -12.16
N VAL A 215 -11.99 -1.69 -12.21
CA VAL A 215 -12.65 -1.40 -13.47
C VAL A 215 -12.13 -0.12 -14.04
N ALA A 216 -12.06 0.92 -13.20
CA ALA A 216 -11.53 2.23 -13.63
C ALA A 216 -10.09 2.07 -14.14
N ARG A 217 -9.28 1.43 -13.32
CA ARG A 217 -7.89 1.32 -13.58
C ARG A 217 -7.63 0.49 -14.87
N LEU A 218 -8.29 -0.67 -15.02
CA LEU A 218 -8.04 -1.45 -16.23
C LEU A 218 -8.61 -0.78 -17.49
N SER A 219 -9.76 -0.08 -17.37
CA SER A 219 -10.31 0.62 -18.54
C SER A 219 -9.33 1.68 -19.00
N GLN A 220 -8.61 2.32 -18.09
CA GLN A 220 -7.50 3.22 -18.51
C GLN A 220 -6.36 2.49 -19.15
N LYS A 221 -6.05 1.30 -18.63
CA LYS A 221 -4.91 0.54 -19.18
C LYS A 221 -5.22 -0.06 -20.56
N PHE A 222 -6.47 -0.52 -20.74
CA PHE A 222 -6.84 -1.29 -21.94
C PHE A 222 -8.01 -0.60 -22.57
N PRO A 223 -7.81 0.66 -22.97
CA PRO A 223 -9.00 1.40 -23.33
C PRO A 223 -9.70 0.85 -24.57
N LYS A 224 -9.02 0.04 -25.37
CA LYS A 224 -9.79 -0.55 -26.49
C LYS A 224 -10.65 -1.79 -26.12
N ALA A 225 -10.41 -2.39 -24.96
CA ALA A 225 -11.11 -3.58 -24.59
C ALA A 225 -12.58 -3.24 -24.42
N ASP A 226 -13.43 -4.24 -24.53
CA ASP A 226 -14.89 -4.14 -24.31
C ASP A 226 -15.21 -4.11 -22.81
N PHE A 227 -16.32 -3.52 -22.44
CA PHE A 227 -16.65 -3.41 -21.02
C PHE A 227 -16.64 -4.85 -20.44
N THR A 228 -17.19 -5.79 -21.21
CA THR A 228 -17.45 -7.12 -20.69
C THR A 228 -16.13 -7.79 -20.44
N ASP A 229 -15.12 -7.46 -21.25
CA ASP A 229 -13.73 -8.00 -21.10
C ASP A 229 -13.04 -7.43 -19.88
N VAL A 230 -13.23 -6.15 -19.64
CA VAL A 230 -12.66 -5.51 -18.50
C VAL A 230 -13.25 -6.16 -17.26
N THR A 231 -14.54 -6.37 -17.28
CA THR A 231 -15.33 -6.95 -16.21
C THR A 231 -14.87 -8.37 -15.84
N LYS A 232 -14.57 -9.13 -16.89
CA LYS A 232 -14.10 -10.50 -16.69
C LYS A 232 -12.72 -10.45 -16.02
N ILE A 233 -11.81 -9.72 -16.65
CA ILE A 233 -10.48 -9.58 -16.04
C ILE A 233 -10.53 -9.02 -14.59
N VAL A 234 -11.37 -8.00 -14.34
CA VAL A 234 -11.36 -7.42 -12.99
C VAL A 234 -11.84 -8.42 -11.96
N THR A 235 -12.86 -9.20 -12.32
CA THR A 235 -13.36 -10.17 -11.41
C THR A 235 -12.34 -11.24 -11.15
N ASP A 236 -11.77 -11.81 -12.22
CA ASP A 236 -10.70 -12.80 -11.98
C ASP A 236 -9.56 -12.16 -11.13
N LEU A 237 -9.23 -10.88 -11.39
CA LEU A 237 -8.10 -10.23 -10.68
C LEU A 237 -8.45 -10.06 -9.18
N THR A 238 -9.69 -9.70 -8.93
CA THR A 238 -10.24 -9.49 -7.58
C THR A 238 -10.31 -10.80 -6.80
N LYS A 239 -10.67 -11.92 -7.44
CA LYS A 239 -10.51 -13.24 -6.83
C LYS A 239 -9.07 -13.55 -6.44
N VAL A 240 -8.13 -13.26 -7.35
CA VAL A 240 -6.72 -13.48 -7.06
C VAL A 240 -6.33 -12.69 -5.78
N HIS A 241 -6.71 -11.41 -5.73
CA HIS A 241 -6.43 -10.56 -4.59
C HIS A 241 -7.07 -10.95 -3.28
N LYS A 242 -8.35 -11.33 -3.33
CA LYS A 242 -9.06 -11.84 -2.17
C LYS A 242 -8.36 -13.11 -1.62
N GLU A 243 -7.98 -14.01 -2.53
CA GLU A 243 -7.23 -15.19 -2.16
C GLU A 243 -5.87 -14.83 -1.51
N CYS A 244 -5.03 -14.02 -2.16
CA CYS A 244 -3.81 -13.58 -1.50
C CYS A 244 -4.07 -12.89 -0.17
N CYS A 245 -5.12 -12.05 -0.08
CA CYS A 245 -5.36 -11.30 1.19
C CYS A 245 -5.79 -12.24 2.29
N HIS A 246 -6.49 -13.33 1.92
CA HIS A 246 -6.87 -14.37 2.88
C HIS A 246 -5.80 -15.43 3.18
N GLY A 247 -4.57 -15.24 2.75
CA GLY A 247 -3.57 -16.28 3.02
C GLY A 247 -3.68 -17.50 2.12
N ASP A 248 -4.56 -17.51 1.10
CA ASP A 248 -4.57 -18.66 0.18
C ASP A 248 -3.55 -18.51 -0.90
N LEU A 249 -2.27 -18.59 -0.53
CA LEU A 249 -1.23 -18.12 -1.43
C LEU A 249 -0.99 -19.00 -2.65
N LEU A 250 -1.13 -20.34 -2.51
CA LEU A 250 -0.94 -21.24 -3.62
C LEU A 250 -2.10 -21.09 -4.59
N GLU A 251 -3.32 -21.01 -4.07
CA GLU A 251 -4.46 -20.81 -4.95
C GLU A 251 -4.36 -19.41 -5.62
N CYS A 252 -3.96 -18.42 -4.83
CA CYS A 252 -3.69 -17.07 -5.36
C CYS A 252 -2.68 -17.09 -6.52
N ALA A 253 -1.55 -17.76 -6.33
CA ALA A 253 -0.52 -17.74 -7.40
C ALA A 253 -1.03 -18.57 -8.61
N ASP A 254 -1.73 -19.65 -8.29
CA ASP A 254 -2.23 -20.52 -9.35
C ASP A 254 -3.26 -19.76 -10.22
N ASP A 255 -4.25 -19.16 -9.58
CA ASP A 255 -5.16 -18.24 -10.30
C ASP A 255 -4.48 -17.08 -11.05
N ARG A 256 -3.43 -16.50 -10.49
CA ARG A 256 -2.82 -15.40 -11.21
C ARG A 256 -2.18 -15.91 -12.47
N ALA A 257 -1.50 -17.06 -12.43
CA ALA A 257 -0.87 -17.55 -13.66
C ALA A 257 -1.96 -17.72 -14.69
N ASP A 258 -3.09 -18.27 -14.27
CA ASP A 258 -4.19 -18.47 -15.23
C ASP A 258 -4.62 -17.13 -15.83
N LEU A 259 -4.65 -16.10 -15.00
CA LEU A 259 -5.10 -14.80 -15.48
C LEU A 259 -4.08 -14.21 -16.48
N ALA A 260 -2.80 -14.35 -16.16
CA ALA A 260 -1.72 -13.88 -17.04
C ALA A 260 -1.82 -14.63 -18.35
N LYS A 261 -2.14 -15.90 -18.30
CA LYS A 261 -2.17 -16.65 -19.54
C LYS A 261 -3.41 -16.22 -20.41
N TYR A 262 -4.52 -15.97 -19.74
CA TYR A 262 -5.75 -15.56 -20.41
C TYR A 262 -5.52 -14.18 -21.03
N ILE A 263 -4.82 -13.30 -20.31
CA ILE A 263 -4.60 -11.96 -20.85
C ILE A 263 -3.67 -12.04 -22.04
N CYS A 264 -2.62 -12.85 -21.99
CA CYS A 264 -1.80 -13.05 -23.17
C CYS A 264 -2.56 -13.74 -24.31
N ASP A 265 -3.38 -14.75 -24.00
CA ASP A 265 -4.20 -15.39 -25.06
C ASP A 265 -5.03 -14.38 -25.78
N HIS A 266 -5.47 -13.31 -25.12
CA HIS A 266 -6.42 -12.39 -25.73
C HIS A 266 -5.91 -11.01 -25.93
N GLN A 267 -4.60 -10.88 -26.08
CA GLN A 267 -3.98 -9.55 -26.02
C GLN A 267 -4.47 -8.63 -27.12
N ASP A 268 -4.75 -9.19 -28.32
CA ASP A 268 -5.24 -8.39 -29.48
C ASP A 268 -6.53 -7.66 -29.15
N ALA A 269 -7.34 -8.24 -28.27
CA ALA A 269 -8.58 -7.66 -27.94
C ALA A 269 -8.32 -6.64 -26.81
N LEU A 270 -7.09 -6.56 -26.29
CA LEU A 270 -6.85 -5.83 -25.04
C LEU A 270 -5.93 -4.66 -25.13
N SER A 271 -4.71 -4.89 -25.56
CA SER A 271 -3.74 -3.82 -25.67
C SER A 271 -2.51 -4.32 -26.41
N SER A 272 -2.00 -3.53 -27.34
CA SER A 272 -0.79 -3.90 -28.09
C SER A 272 0.46 -3.79 -27.23
N LYS A 273 0.36 -3.06 -26.11
CA LYS A 273 1.50 -3.02 -25.18
C LYS A 273 1.78 -4.39 -24.52
N LEU A 274 0.89 -5.37 -24.70
CA LEU A 274 1.01 -6.59 -23.94
C LEU A 274 1.98 -7.53 -24.57
N LYS A 275 2.32 -7.28 -25.82
CA LYS A 275 3.18 -8.15 -26.63
C LYS A 275 4.52 -8.32 -25.98
N GLU A 276 5.05 -7.24 -25.43
CA GLU A 276 6.28 -7.28 -24.65
C GLU A 276 6.27 -8.41 -23.57
N CYS A 277 5.17 -8.53 -22.82
CA CYS A 277 5.05 -9.46 -21.69
C CYS A 277 4.93 -10.90 -22.05
N CYS A 278 4.33 -11.20 -23.20
CA CYS A 278 3.69 -12.51 -23.38
C CYS A 278 4.64 -13.65 -23.73
N ASP A 279 5.87 -13.37 -24.14
CA ASP A 279 6.76 -14.51 -24.31
C ASP A 279 7.59 -14.81 -23.02
N LYS A 280 7.37 -14.07 -21.93
CA LYS A 280 8.12 -14.31 -20.69
C LYS A 280 7.68 -15.47 -19.81
N PRO A 281 8.61 -16.03 -18.97
CA PRO A 281 8.13 -17.03 -18.00
C PRO A 281 7.12 -16.41 -17.01
N VAL A 282 6.41 -17.26 -16.32
CA VAL A 282 5.14 -16.88 -15.73
C VAL A 282 5.22 -15.71 -14.71
N LEU A 283 6.22 -15.71 -13.82
CA LEU A 283 6.31 -14.60 -12.84
C LEU A 283 6.66 -13.26 -13.51
N GLU A 284 7.47 -13.30 -14.55
CA GLU A 284 7.87 -12.03 -15.14
C GLU A 284 6.77 -11.58 -16.02
N LYS A 285 6.09 -12.53 -16.61
CA LYS A 285 5.02 -12.22 -17.49
C LYS A 285 3.92 -11.51 -16.66
N SER A 286 3.65 -11.99 -15.45
CA SER A 286 2.57 -11.39 -14.66
C SER A 286 2.98 -10.03 -14.18
N HIS A 287 4.24 -9.95 -13.75
CA HIS A 287 4.80 -8.67 -13.34
C HIS A 287 4.69 -7.65 -14.47
N CYS A 288 5.12 -8.07 -15.66
CA CYS A 288 5.10 -7.21 -16.82
C CYS A 288 3.65 -6.81 -17.18
N ILE A 289 2.69 -7.70 -16.99
CA ILE A 289 1.32 -7.26 -17.34
C ILE A 289 0.87 -6.22 -16.27
N ALA A 290 1.18 -6.48 -14.99
CA ALA A 290 0.73 -5.62 -13.92
C ALA A 290 1.32 -4.25 -14.18
N GLU A 291 2.51 -4.15 -14.77
CA GLU A 291 3.20 -2.86 -14.96
C GLU A 291 3.03 -2.27 -16.35
N VAL A 292 2.29 -2.90 -17.25
CA VAL A 292 2.27 -2.42 -18.66
C VAL A 292 1.79 -0.93 -18.67
N ASP A 293 2.27 -0.08 -19.57
CA ASP A 293 1.61 1.27 -19.75
C ASP A 293 0.22 1.23 -20.36
N LYS A 294 -0.55 2.28 -20.09
CA LYS A 294 -1.81 2.59 -20.77
C LYS A 294 -1.63 2.52 -22.28
N ASP A 295 -2.44 1.72 -22.96
CA ASP A 295 -2.50 1.81 -24.40
C ASP A 295 -3.04 3.21 -24.80
N ALA A 296 -2.87 3.62 -26.05
CA ALA A 296 -3.41 4.87 -26.54
C ALA A 296 -4.93 4.76 -26.61
N VAL A 297 -5.64 5.86 -26.30
CA VAL A 297 -7.10 5.93 -26.46
C VAL A 297 -7.37 5.75 -27.92
N PRO A 298 -8.22 4.78 -28.31
CA PRO A 298 -8.59 4.62 -29.71
C PRO A 298 -9.28 5.86 -30.28
N GLU A 299 -9.18 6.00 -31.59
CA GLU A 299 -9.87 7.04 -32.31
C GLU A 299 -11.35 6.70 -32.36
N ASN A 300 -12.16 7.65 -32.78
CA ASN A 300 -13.58 7.43 -33.01
C ASN A 300 -14.44 7.01 -31.84
N LEU A 301 -14.03 7.24 -30.60
CA LEU A 301 -15.01 6.94 -29.54
C LEU A 301 -15.98 8.12 -29.49
N PRO A 302 -17.27 7.87 -29.40
CA PRO A 302 -18.18 9.02 -29.27
C PRO A 302 -17.99 9.79 -28.00
N PRO A 303 -18.39 11.07 -28.03
CA PRO A 303 -18.30 11.91 -26.84
C PRO A 303 -19.17 11.28 -25.79
N LEU A 304 -18.75 11.41 -24.52
CA LEU A 304 -19.45 10.80 -23.43
C LEU A 304 -20.84 11.36 -23.33
N THR A 305 -21.02 12.61 -23.74
CA THR A 305 -22.36 13.18 -23.64
C THR A 305 -23.39 12.46 -24.51
N ALA A 306 -22.95 11.85 -25.61
CA ALA A 306 -23.90 11.06 -26.44
C ALA A 306 -24.70 10.02 -25.62
N ASP A 307 -24.07 9.21 -24.77
CA ASP A 307 -24.80 8.22 -24.01
C ASP A 307 -25.35 8.70 -22.67
N PHE A 308 -24.78 9.75 -22.10
CA PHE A 308 -25.02 10.04 -20.70
C PHE A 308 -25.59 11.43 -20.42
N ALA A 309 -25.68 12.30 -21.42
CA ALA A 309 -26.27 13.61 -21.23
C ALA A 309 -27.28 13.94 -22.33
N GLU A 310 -26.87 13.82 -23.59
CA GLU A 310 -27.73 14.25 -24.67
C GLU A 310 -28.88 13.28 -24.87
N ASP A 311 -28.56 11.99 -24.72
CA ASP A 311 -29.52 10.92 -24.87
C ASP A 311 -30.79 11.18 -24.02
N LYS A 312 -31.95 10.96 -24.63
CA LYS A 312 -33.20 11.26 -23.91
C LYS A 312 -33.65 10.09 -23.03
N GLU A 313 -32.93 8.98 -23.09
CA GLU A 313 -33.33 7.81 -22.36
C GLU A 313 -32.43 7.37 -21.22
N VAL A 314 -31.60 8.30 -20.73
CA VAL A 314 -30.75 8.05 -19.57
C VAL A 314 -31.59 7.51 -18.37
N CYS A 315 -32.67 8.19 -18.01
CA CYS A 315 -33.39 7.79 -16.81
C CYS A 315 -33.91 6.40 -16.94
N LYS A 316 -34.49 6.08 -18.10
CA LYS A 316 -34.92 4.69 -18.33
C LYS A 316 -33.74 3.74 -18.13
N ASN A 317 -32.63 3.99 -18.79
CA ASN A 317 -31.51 3.05 -18.76
C ASN A 317 -30.95 2.90 -17.39
N TYR A 318 -30.95 3.98 -16.63
CA TYR A 318 -30.49 3.97 -15.26
C TYR A 318 -31.41 3.26 -14.33
N GLN A 319 -32.70 3.55 -14.37
CA GLN A 319 -33.63 2.81 -13.52
C GLN A 319 -33.65 1.31 -13.88
N GLU A 320 -33.54 0.94 -15.17
CA GLU A 320 -33.61 -0.48 -15.60
C GLU A 320 -32.46 -1.28 -14.99
N ALA A 321 -31.24 -0.75 -15.00
CA ALA A 321 -30.16 -1.42 -14.26
C ALA A 321 -29.16 -0.40 -13.81
N LYS A 322 -29.36 0.03 -12.61
CA LYS A 322 -28.64 1.13 -12.07
C LYS A 322 -27.16 0.82 -12.09
N ASP A 323 -26.80 -0.42 -11.78
CA ASP A 323 -25.43 -0.76 -11.44
C ASP A 323 -24.59 -0.99 -12.66
N VAL A 324 -25.18 -1.69 -13.62
CA VAL A 324 -24.58 -1.86 -14.95
C VAL A 324 -24.41 -0.53 -15.67
N PHE A 325 -25.42 0.30 -15.60
CA PHE A 325 -25.36 1.62 -16.23
C PHE A 325 -24.22 2.48 -15.67
N LEU A 326 -24.04 2.51 -14.34
CA LEU A 326 -22.97 3.30 -13.69
C LEU A 326 -21.64 2.64 -13.96
N GLY A 327 -21.64 1.32 -14.00
CA GLY A 327 -20.39 0.57 -14.27
C GLY A 327 -19.94 0.97 -15.66
N SER A 328 -20.93 1.03 -16.54
CA SER A 328 -20.64 1.36 -17.87
C SER A 328 -20.16 2.84 -18.02
N PHE A 329 -20.85 3.74 -17.33
CA PHE A 329 -20.40 5.13 -17.29
C PHE A 329 -18.95 5.22 -16.81
N LEU A 330 -18.64 4.41 -15.77
CA LEU A 330 -17.30 4.43 -15.18
C LEU A 330 -16.29 3.96 -16.24
N TYR A 331 -16.65 2.90 -16.97
CA TYR A 331 -15.75 2.33 -18.01
C TYR A 331 -15.50 3.35 -19.14
N GLU A 332 -16.59 3.91 -19.64
CA GLU A 332 -16.54 4.92 -20.71
C GLU A 332 -15.76 6.16 -20.33
N TYR A 333 -15.94 6.60 -19.10
CA TYR A 333 -15.27 7.77 -18.68
C TYR A 333 -13.77 7.46 -18.47
N SER A 334 -13.48 6.28 -17.92
CA SER A 334 -12.07 5.94 -17.58
C SER A 334 -11.24 5.75 -18.85
N ARG A 335 -11.80 4.98 -19.81
CA ARG A 335 -11.05 4.71 -21.04
C ARG A 335 -10.66 6.00 -21.75
N ARG A 336 -11.53 6.98 -21.71
CA ARG A 336 -11.23 8.25 -22.41
C ARG A 336 -10.35 9.17 -21.58
N HIS A 337 -10.15 8.91 -20.28
CA HIS A 337 -9.35 9.84 -19.51
C HIS A 337 -8.23 9.21 -18.68
N PRO A 338 -7.15 8.83 -19.34
CA PRO A 338 -6.03 8.29 -18.59
C PRO A 338 -5.43 9.33 -17.68
N GLU A 339 -5.67 10.62 -17.96
CA GLU A 339 -5.08 11.66 -17.15
C GLU A 339 -5.84 11.86 -15.84
N TYR A 340 -6.99 11.22 -15.64
CA TYR A 340 -7.69 11.38 -14.38
C TYR A 340 -7.29 10.26 -13.40
N ALA A 341 -7.20 10.59 -12.12
CA ALA A 341 -6.94 9.54 -11.14
C ALA A 341 -8.12 8.57 -11.02
N VAL A 342 -7.84 7.31 -10.67
CA VAL A 342 -8.91 6.31 -10.45
C VAL A 342 -9.97 6.81 -9.46
N SER A 343 -9.50 7.29 -8.32
CA SER A 343 -10.46 7.73 -7.32
C SER A 343 -11.22 8.95 -7.79
N VAL A 344 -10.66 9.73 -8.70
CA VAL A 344 -11.39 10.88 -9.24
C VAL A 344 -12.48 10.35 -10.15
N LEU A 345 -12.16 9.34 -10.97
CA LEU A 345 -13.13 8.73 -11.82
C LEU A 345 -14.27 8.09 -11.00
N LEU A 346 -13.93 7.51 -9.83
CA LEU A 346 -14.96 6.89 -9.03
C LEU A 346 -15.81 7.99 -8.45
N ARG A 347 -15.16 9.08 -8.01
CA ARG A 347 -15.91 10.23 -7.47
C ARG A 347 -16.83 10.79 -8.55
N LEU A 348 -16.33 10.94 -9.78
CA LEU A 348 -17.20 11.31 -10.93
C LEU A 348 -18.41 10.40 -11.13
N ALA A 349 -18.21 9.08 -10.97
CA ALA A 349 -19.33 8.20 -11.20
C ALA A 349 -20.34 8.38 -10.07
N LYS A 350 -19.85 8.53 -8.84
CA LYS A 350 -20.77 8.76 -7.72
C LYS A 350 -21.59 10.05 -7.88
N GLU A 351 -20.94 11.15 -8.22
CA GLU A 351 -21.65 12.38 -8.44
C GLU A 351 -22.71 12.23 -9.58
N TYR A 352 -22.40 11.40 -10.56
CA TYR A 352 -23.27 11.17 -11.71
C TYR A 352 -24.46 10.41 -11.19
N GLU A 353 -24.19 9.40 -10.37
CA GLU A 353 -25.27 8.69 -9.72
C GLU A 353 -26.26 9.67 -8.98
N ALA A 354 -25.67 10.52 -8.13
CA ALA A 354 -26.38 11.48 -7.34
C ALA A 354 -27.27 12.38 -8.22
N THR A 355 -26.66 12.91 -9.25
CA THR A 355 -27.36 13.68 -10.22
C THR A 355 -28.54 12.94 -10.80
N LEU A 356 -28.37 11.72 -11.29
CA LEU A 356 -29.50 11.05 -11.88
C LEU A 356 -30.55 10.74 -10.81
N GLU A 357 -30.11 10.44 -9.58
CA GLU A 357 -31.07 10.18 -8.50
C GLU A 357 -31.93 11.41 -8.38
N ASP A 358 -31.33 12.56 -8.26
CA ASP A 358 -32.14 13.76 -8.19
C ASP A 358 -32.98 14.05 -9.53
N CYS A 359 -32.29 14.15 -10.66
CA CYS A 359 -32.89 14.41 -11.95
C CYS A 359 -34.00 13.45 -12.40
N CYS A 360 -33.86 12.14 -12.23
CA CYS A 360 -34.90 11.24 -12.75
C CYS A 360 -36.26 11.30 -12.04
N ALA A 361 -36.31 11.73 -10.79
CA ALA A 361 -37.57 11.87 -10.04
C ALA A 361 -38.40 13.01 -10.61
N LYS A 362 -37.73 14.01 -11.18
CA LYS A 362 -38.34 15.27 -11.67
C LYS A 362 -39.36 15.21 -12.84
N GLU A 363 -40.03 16.36 -13.03
CA GLU A 363 -41.02 16.63 -14.07
CA GLU A 363 -41.04 16.52 -14.07
C GLU A 363 -40.46 16.38 -15.46
N ASP A 364 -39.56 17.29 -15.89
CA ASP A 364 -38.66 16.97 -17.03
C ASP A 364 -37.18 16.72 -16.63
N PRO A 365 -36.79 15.44 -16.58
CA PRO A 365 -35.41 15.05 -16.23
C PRO A 365 -34.32 15.48 -17.24
N HIS A 366 -34.58 15.37 -18.55
CA HIS A 366 -33.57 15.64 -19.58
C HIS A 366 -32.98 17.06 -19.44
N ALA A 367 -33.84 18.04 -19.18
CA ALA A 367 -33.33 19.37 -18.98
C ALA A 367 -32.41 19.36 -17.75
N CYS A 368 -32.71 18.50 -16.78
CA CYS A 368 -31.94 18.56 -15.54
C CYS A 368 -30.58 17.88 -15.81
N TYR A 369 -30.60 16.65 -16.31
CA TYR A 369 -29.36 15.93 -16.38
C TYR A 369 -28.45 16.29 -17.58
N ALA A 370 -29.00 16.98 -18.57
CA ALA A 370 -28.21 17.35 -19.73
C ALA A 370 -26.97 18.19 -19.39
N THR A 371 -27.00 18.94 -18.28
CA THR A 371 -25.87 19.78 -17.95
C THR A 371 -24.96 19.13 -16.91
N VAL A 372 -25.17 17.84 -16.69
CA VAL A 372 -24.43 17.11 -15.72
C VAL A 372 -22.90 17.29 -15.80
N PHE A 373 -22.34 17.33 -16.99
CA PHE A 373 -20.91 17.52 -17.05
C PHE A 373 -20.43 18.83 -16.50
N ASP A 374 -21.25 19.85 -16.62
CA ASP A 374 -20.89 21.08 -15.97
C ASP A 374 -20.87 20.81 -14.43
N LYS A 375 -21.82 20.03 -13.90
CA LYS A 375 -21.85 19.70 -12.46
C LYS A 375 -20.63 18.93 -11.98
N LEU A 376 -20.07 18.12 -12.86
CA LEU A 376 -19.02 17.19 -12.51
C LEU A 376 -17.71 17.95 -12.50
N LYS A 377 -17.66 19.14 -13.08
CA LYS A 377 -16.32 19.71 -13.31
C LYS A 377 -15.49 19.98 -12.05
N HIS A 378 -16.16 20.18 -10.94
CA HIS A 378 -15.52 20.49 -9.71
C HIS A 378 -14.76 19.27 -9.20
N LEU A 379 -15.25 18.08 -9.50
CA LEU A 379 -14.49 16.92 -9.03
C LEU A 379 -13.18 16.84 -9.77
N VAL A 380 -13.00 17.62 -10.85
CA VAL A 380 -11.75 17.48 -11.59
C VAL A 380 -10.95 18.70 -11.18
N ASP A 381 -11.65 19.82 -10.92
CA ASP A 381 -10.91 21.06 -10.57
C ASP A 381 -10.21 20.92 -9.25
N GLU A 382 -10.90 20.36 -8.25
CA GLU A 382 -10.33 20.33 -6.92
C GLU A 382 -9.00 19.48 -6.85
N PRO A 383 -8.98 18.25 -7.43
CA PRO A 383 -7.71 17.56 -7.41
C PRO A 383 -6.64 18.37 -8.13
N GLN A 384 -7.04 19.11 -9.15
CA GLN A 384 -6.06 19.88 -9.87
C GLN A 384 -5.46 21.00 -9.08
N ASN A 385 -6.28 21.62 -8.23
CA ASN A 385 -5.82 22.74 -7.44
C ASN A 385 -5.03 22.22 -6.29
N LEU A 386 -5.47 21.07 -5.75
CA LEU A 386 -4.66 20.40 -4.72
C LEU A 386 -3.20 20.25 -5.22
N ILE A 387 -3.07 19.75 -6.44
CA ILE A 387 -1.77 19.43 -6.96
C ILE A 387 -1.01 20.67 -7.24
N LYS A 388 -1.69 21.68 -7.78
CA LYS A 388 -1.05 22.97 -8.02
C LYS A 388 -0.56 23.64 -6.75
N LYS A 389 -1.42 23.78 -5.75
CA LYS A 389 -0.97 24.46 -4.53
C LYS A 389 0.13 23.64 -3.84
N ASN A 390 -0.06 22.30 -3.73
CA ASN A 390 0.98 21.51 -3.04
C ASN A 390 2.32 21.47 -3.81
N CYS A 391 2.29 21.37 -5.13
CA CYS A 391 3.51 21.28 -5.84
C CYS A 391 4.23 22.58 -5.73
N GLU A 392 3.54 23.71 -5.67
CA GLU A 392 4.39 24.94 -5.53
C GLU A 392 4.94 25.08 -4.16
N LEU A 393 4.17 24.69 -3.17
CA LEU A 393 4.73 24.59 -1.86
C LEU A 393 5.99 23.67 -1.86
N PHE A 394 5.91 22.52 -2.53
CA PHE A 394 6.98 21.55 -2.47
C PHE A 394 8.18 22.17 -3.16
N GLU A 395 7.97 22.89 -4.23
CA GLU A 395 9.13 23.32 -4.93
C GLU A 395 9.68 24.56 -4.31
N LYS A 396 8.83 25.40 -3.73
CA LYS A 396 9.33 26.49 -2.91
C LYS A 396 10.20 25.96 -1.75
N HIS A 397 9.84 24.85 -1.10
CA HIS A 397 10.60 24.43 0.12
C HIS A 397 11.43 23.16 0.04
N GLY A 398 11.30 22.35 -1.01
CA GLY A 398 11.98 21.05 -1.07
C GLY A 398 11.33 19.99 -0.16
N GLU A 399 11.79 18.76 -0.27
CA GLU A 399 11.14 17.67 0.40
C GLU A 399 11.00 17.84 1.91
N TYR A 400 12.12 18.06 2.57
CA TYR A 400 12.11 18.12 4.01
C TYR A 400 11.21 19.28 4.53
N GLY A 401 11.39 20.44 3.96
CA GLY A 401 10.50 21.55 4.27
C GLY A 401 9.03 21.23 4.00
N PHE A 402 8.75 20.61 2.86
CA PHE A 402 7.38 20.21 2.53
C PHE A 402 6.88 19.20 3.56
N GLN A 403 7.68 18.19 3.90
CA GLN A 403 7.33 17.29 5.03
C GLN A 403 6.98 18.06 6.27
N ASN A 404 7.80 19.08 6.56
CA ASN A 404 7.54 19.85 7.78
C ASN A 404 6.23 20.58 7.71
N ALA A 405 5.87 21.13 6.53
CA ALA A 405 4.59 21.82 6.44
C ALA A 405 3.44 20.81 6.61
N LEU A 406 3.61 19.56 6.17
CA LEU A 406 2.50 18.60 6.35
C LEU A 406 2.44 18.13 7.82
N ILE A 407 3.61 18.11 8.51
CA ILE A 407 3.64 17.76 9.92
C ILE A 407 2.74 18.69 10.66
N VAL A 408 2.81 19.98 10.31
CA VAL A 408 2.00 21.00 10.92
C VAL A 408 0.52 20.80 10.65
N ARG A 409 0.21 20.64 9.38
CA ARG A 409 -1.14 20.30 8.93
C ARG A 409 -1.73 19.08 9.58
N TYR A 410 -1.00 17.96 9.54
CA TYR A 410 -1.56 16.74 10.00
C TYR A 410 -1.67 16.66 11.52
N THR A 411 -0.69 17.26 12.23
CA THR A 411 -0.81 17.27 13.67
C THR A 411 -2.07 18.06 14.01
N ARG A 412 -2.37 19.10 13.25
CA ARG A 412 -3.55 19.85 13.59
C ARG A 412 -4.79 19.10 13.29
N LYS A 413 -4.80 18.37 12.15
CA LYS A 413 -5.97 17.66 11.75
C LYS A 413 -6.26 16.52 12.74
N ALA A 414 -5.21 15.85 13.22
CA ALA A 414 -5.42 14.59 13.95
C ALA A 414 -4.43 14.61 15.13
N PRO A 415 -4.62 15.61 16.06
CA PRO A 415 -3.57 15.72 17.09
C PRO A 415 -3.47 14.52 18.04
N GLN A 416 -4.44 13.62 18.03
CA GLN A 416 -4.45 12.54 18.99
C GLN A 416 -3.56 11.41 18.55
N VAL A 417 -3.12 11.43 17.31
CA VAL A 417 -2.49 10.28 16.73
C VAL A 417 -1.10 10.27 17.31
N SER A 418 -0.49 9.09 17.44
CA SER A 418 0.78 8.96 18.10
C SER A 418 1.83 9.66 17.23
N THR A 419 2.83 10.23 17.87
CA THR A 419 3.82 11.05 17.22
C THR A 419 4.63 10.28 16.21
N PRO A 420 4.95 8.98 16.49
CA PRO A 420 5.76 8.26 15.48
C PRO A 420 4.86 8.03 14.26
N THR A 421 3.56 7.84 14.44
CA THR A 421 2.76 7.69 13.25
C THR A 421 2.62 9.02 12.57
N LEU A 422 2.46 10.11 13.29
CA LEU A 422 2.33 11.34 12.53
C LEU A 422 3.62 11.71 11.78
N VAL A 423 4.77 11.33 12.31
CA VAL A 423 5.99 11.61 11.63
C VAL A 423 6.12 10.74 10.39
N GLU A 424 5.83 9.45 10.57
CA GLU A 424 5.98 8.52 9.45
C GLU A 424 5.01 8.88 8.29
N ILE A 425 3.73 9.02 8.61
CA ILE A 425 2.76 9.43 7.63
C ILE A 425 3.10 10.79 6.97
N SER A 426 3.45 11.83 7.77
CA SER A 426 3.79 13.14 7.19
C SER A 426 5.02 13.05 6.31
N ARG A 427 6.01 12.24 6.66
CA ARG A 427 7.17 12.17 5.79
C ARG A 427 6.74 11.51 4.46
N SER A 428 5.87 10.50 4.50
CA SER A 428 5.46 9.88 3.24
C SER A 428 4.62 10.80 2.41
N LEU A 429 3.69 11.53 3.03
CA LEU A 429 2.91 12.49 2.28
C LEU A 429 3.83 13.47 1.54
N GLY A 430 4.96 13.83 2.15
CA GLY A 430 5.83 14.84 1.53
C GLY A 430 6.58 14.25 0.35
N LYS A 431 6.86 12.95 0.43
CA LYS A 431 7.55 12.24 -0.62
CA LYS A 431 7.55 12.25 -0.62
C LYS A 431 6.65 12.15 -1.86
N VAL A 432 5.34 12.36 -1.68
CA VAL A 432 4.41 12.37 -2.80
C VAL A 432 4.74 13.58 -3.70
N GLY A 433 5.24 14.69 -3.13
CA GLY A 433 5.82 15.83 -3.89
C GLY A 433 7.06 15.39 -4.66
N THR A 434 7.91 14.61 -4.06
CA THR A 434 9.05 14.13 -4.78
C THR A 434 8.71 13.19 -5.88
N LYS A 435 7.68 12.34 -5.72
CA LYS A 435 7.34 11.37 -6.75
C LYS A 435 6.44 11.98 -7.80
N CYS A 436 5.59 12.95 -7.46
CA CYS A 436 4.54 13.33 -8.42
C CYS A 436 4.64 14.66 -9.13
N CYS A 437 5.23 15.64 -8.47
CA CYS A 437 5.19 17.02 -8.95
C CYS A 437 5.88 17.27 -10.29
N ALA A 438 6.88 16.47 -10.58
CA ALA A 438 7.69 16.64 -11.77
C ALA A 438 7.21 15.76 -12.92
N LYS A 439 6.13 15.00 -12.72
CA LYS A 439 5.65 14.11 -13.78
C LYS A 439 4.94 14.82 -14.92
N PRO A 440 4.73 14.13 -16.05
CA PRO A 440 3.97 14.77 -17.13
C PRO A 440 2.54 15.14 -16.71
N GLU A 441 1.98 16.14 -17.37
CA GLU A 441 0.63 16.58 -17.07
C GLU A 441 -0.37 15.42 -16.92
N SER A 442 -0.30 14.41 -17.77
CA SER A 442 -1.37 13.42 -17.76
C SER A 442 -1.14 12.34 -16.73
N GLU A 443 0.03 12.40 -16.08
CA GLU A 443 0.41 11.49 -15.00
C GLU A 443 0.29 12.09 -13.58
N ARG A 444 0.27 13.41 -13.48
CA ARG A 444 0.34 14.00 -12.16
C ARG A 444 -0.83 13.67 -11.27
N MET A 445 -2.05 13.72 -11.81
CA MET A 445 -3.23 13.45 -10.95
C MET A 445 -3.35 11.96 -10.59
N PRO A 446 -3.21 11.03 -11.59
CA PRO A 446 -3.20 9.61 -11.14
C PRO A 446 -2.10 9.34 -10.11
N CYS A 447 -0.89 9.83 -10.34
CA CYS A 447 0.22 9.55 -9.42
C CYS A 447 -0.09 10.18 -8.05
N THR A 448 -0.52 11.43 -8.02
CA THR A 448 -0.78 11.99 -6.73
C THR A 448 -1.86 11.31 -5.94
N GLU A 449 -3.02 11.05 -6.54
CA GLU A 449 -4.07 10.42 -5.79
C GLU A 449 -3.76 8.98 -5.40
N ASP A 450 -3.04 8.27 -6.25
CA ASP A 450 -2.73 6.90 -5.94
CA ASP A 450 -2.61 6.86 -6.03
C ASP A 450 -1.78 6.82 -4.76
N TYR A 451 -0.71 7.63 -4.73
CA TYR A 451 0.13 7.61 -3.50
C TYR A 451 -0.60 8.14 -2.28
N LEU A 452 -1.33 9.28 -2.37
CA LEU A 452 -2.22 9.62 -1.22
C LEU A 452 -3.10 8.42 -0.75
N SER A 453 -3.69 7.66 -1.66
CA SER A 453 -4.49 6.53 -1.18
C SER A 453 -3.64 5.54 -0.43
N LEU A 454 -2.45 5.27 -0.94
CA LEU A 454 -1.64 4.26 -0.28
C LEU A 454 -1.24 4.74 1.14
N ILE A 455 -0.92 6.03 1.30
CA ILE A 455 -0.41 6.51 2.58
C ILE A 455 -1.59 6.78 3.50
N LEU A 456 -2.71 7.27 3.01
CA LEU A 456 -3.81 7.39 3.97
C LEU A 456 -4.31 6.00 4.40
N ASN A 457 -4.20 5.01 3.49
CA ASN A 457 -4.63 3.66 3.89
C ASN A 457 -3.75 3.16 5.05
N ARG A 458 -2.42 3.39 4.95
CA ARG A 458 -1.53 3.05 6.03
C ARG A 458 -1.92 3.75 7.36
N LEU A 459 -2.30 5.04 7.28
CA LEU A 459 -2.84 5.74 8.46
C LEU A 459 -4.10 5.02 8.93
N CYS A 460 -5.01 4.64 8.02
CA CYS A 460 -6.26 4.01 8.49
C CYS A 460 -6.06 2.66 9.17
N VAL A 461 -5.19 1.84 8.61
CA VAL A 461 -4.81 0.53 9.18
C VAL A 461 -4.26 0.66 10.62
N LEU A 462 -3.31 1.56 10.83
CA LEU A 462 -2.72 1.76 12.15
C LEU A 462 -3.80 2.26 13.11
N HIS A 463 -4.55 3.25 12.65
CA HIS A 463 -5.55 3.88 13.46
C HIS A 463 -6.65 2.92 13.82
N GLU A 464 -7.09 2.10 12.90
CA GLU A 464 -8.23 1.26 13.23
C GLU A 464 -7.87 0.21 14.31
N LYS A 465 -6.58 -0.15 14.40
CA LYS A 465 -6.16 -1.01 15.47
C LYS A 465 -6.11 -0.29 16.87
N THR A 466 -5.83 1.02 16.96
CA THR A 466 -5.90 1.79 18.25
C THR A 466 -6.55 3.18 18.00
N PRO A 467 -7.90 3.24 17.87
CA PRO A 467 -8.58 4.48 17.44
C PRO A 467 -8.44 5.54 18.47
N VAL A 468 -7.99 6.73 18.10
CA VAL A 468 -7.89 7.83 19.06
C VAL A 468 -8.45 9.13 18.49
N SER A 469 -8.62 9.23 17.15
CA SER A 469 -9.38 10.37 16.60
C SER A 469 -10.70 10.00 15.95
N GLU A 470 -11.76 10.67 16.38
CA GLU A 470 -13.10 10.38 15.79
C GLU A 470 -13.12 10.88 14.37
N LYS A 471 -12.36 11.94 14.15
CA LYS A 471 -12.26 12.49 12.81
C LYS A 471 -11.46 11.55 11.93
N VAL A 472 -10.37 10.97 12.44
CA VAL A 472 -9.63 10.06 11.53
C VAL A 472 -10.50 8.84 11.32
N THR A 473 -11.26 8.47 12.36
CA THR A 473 -12.27 7.39 12.17
C THR A 473 -13.24 7.65 11.00
N LYS A 474 -13.83 8.83 11.06
CA LYS A 474 -14.79 9.23 10.09
C LYS A 474 -14.14 9.12 8.69
N CYS A 475 -12.97 9.74 8.48
CA CYS A 475 -12.46 9.83 7.13
C CYS A 475 -11.99 8.46 6.65
N CYS A 476 -11.65 7.56 7.59
CA CYS A 476 -11.16 6.21 7.18
C CYS A 476 -12.31 5.33 6.78
N THR A 477 -13.42 5.45 7.49
CA THR A 477 -14.42 4.44 7.31
C THR A 477 -15.61 4.92 6.52
N GLU A 478 -15.82 6.22 6.40
CA GLU A 478 -17.08 6.65 5.79
C GLU A 478 -17.11 6.31 4.27
N SER A 479 -15.96 6.32 3.59
CA SER A 479 -15.97 6.11 2.13
C SER A 479 -14.60 5.97 1.65
N LEU A 480 -14.29 4.86 1.02
CA LEU A 480 -12.93 4.67 0.48
C LEU A 480 -12.54 5.76 -0.54
N VAL A 481 -13.51 6.14 -1.34
CA VAL A 481 -13.31 6.99 -2.47
C VAL A 481 -13.06 8.43 -2.05
N ASN A 482 -13.71 8.84 -0.98
CA ASN A 482 -13.58 10.21 -0.51
C ASN A 482 -12.58 10.37 0.60
N ARG A 483 -11.70 9.39 0.82
CA ARG A 483 -10.76 9.49 1.89
C ARG A 483 -9.89 10.68 1.70
N ARG A 484 -9.30 10.78 0.50
CA ARG A 484 -8.35 11.82 0.33
C ARG A 484 -9.07 13.18 0.56
N PRO A 485 -10.17 13.42 -0.15
CA PRO A 485 -10.75 14.76 0.11
C PRO A 485 -11.31 14.88 1.51
N CYS A 486 -11.67 13.79 2.15
CA CYS A 486 -12.20 13.98 3.51
C CYS A 486 -11.00 14.43 4.36
N PHE A 487 -9.85 13.78 4.18
CA PHE A 487 -8.65 14.20 4.94
C PHE A 487 -8.19 15.62 4.65
N SER A 488 -8.26 15.95 3.37
CA SER A 488 -7.94 17.26 2.85
C SER A 488 -8.82 18.34 3.48
N ASP A 489 -10.11 18.05 3.67
CA ASP A 489 -10.99 19.07 4.26
C ASP A 489 -10.86 19.26 5.73
N LEU A 490 -10.18 18.36 6.45
CA LEU A 490 -10.03 18.51 7.91
C LEU A 490 -9.32 19.80 8.25
N THR A 491 -9.84 20.48 9.25
CA THR A 491 -9.14 21.65 9.81
C THR A 491 -8.66 21.24 11.20
N LEU A 492 -8.11 22.19 11.93
CA LEU A 492 -7.63 21.94 13.25
C LEU A 492 -8.76 21.34 14.06
N ASP A 493 -8.44 20.26 14.75
CA ASP A 493 -9.43 19.59 15.57
C ASP A 493 -9.73 20.44 16.79
N GLU A 494 -10.90 21.04 16.83
CA GLU A 494 -11.22 21.98 17.89
C GLU A 494 -11.70 21.27 19.16
N THR A 495 -11.68 19.96 19.13
CA THR A 495 -12.16 19.05 20.13
C THR A 495 -10.96 18.66 21.00
N TYR A 496 -9.76 18.87 20.48
CA TYR A 496 -8.56 18.35 21.04
C TYR A 496 -8.13 19.14 22.27
N VAL A 497 -7.69 18.48 23.31
CA VAL A 497 -7.21 19.21 24.47
C VAL A 497 -5.67 19.09 24.50
N PRO A 498 -4.95 20.22 24.42
CA PRO A 498 -3.48 20.18 24.38
C PRO A 498 -2.90 19.39 25.53
N LYS A 499 -1.80 18.70 25.30
CA LYS A 499 -1.04 17.99 26.33
C LYS A 499 -0.01 19.00 26.86
N PRO A 500 0.55 18.77 28.05
CA PRO A 500 1.68 19.62 28.54
C PRO A 500 2.95 19.42 27.66
N PHE A 501 3.81 20.39 27.68
CA PHE A 501 5.03 20.34 26.93
C PHE A 501 5.81 19.12 27.35
N ASP A 502 6.15 18.26 26.39
CA ASP A 502 6.85 17.02 26.68
C ASP A 502 8.37 17.20 26.45
N GLU A 503 9.10 17.62 27.48
CA GLU A 503 10.53 18.04 27.34
C GLU A 503 11.46 16.99 26.80
N LYS A 504 11.20 15.73 27.05
CA LYS A 504 12.18 14.71 26.75
C LYS A 504 12.53 14.91 25.27
N PHE A 505 11.55 15.39 24.50
CA PHE A 505 11.73 15.49 23.05
C PHE A 505 12.62 16.63 22.62
N PHE A 506 13.02 17.47 23.55
CA PHE A 506 13.90 18.61 23.34
C PHE A 506 15.13 18.46 24.15
N THR A 507 15.45 17.23 24.55
CA THR A 507 16.68 17.01 25.34
C THR A 507 17.32 15.73 24.86
N PHE A 508 18.66 15.67 24.90
CA PHE A 508 19.38 14.70 24.08
C PHE A 508 20.63 14.22 24.80
N HIS A 509 21.18 13.13 24.31
CA HIS A 509 22.46 12.65 24.75
C HIS A 509 23.42 12.82 23.60
N ALA A 510 24.72 12.68 23.90
CA ALA A 510 25.80 12.93 22.94
C ALA A 510 25.69 12.14 21.64
N ASP A 511 25.12 10.95 21.69
CA ASP A 511 25.01 10.12 20.49
C ASP A 511 23.99 10.66 19.46
N ILE A 512 23.42 11.84 19.70
CA ILE A 512 22.56 12.42 18.67
C ILE A 512 23.43 12.82 17.48
N CYS A 513 24.62 13.34 17.79
CA CYS A 513 25.63 13.79 16.82
C CYS A 513 26.06 12.68 15.87
N THR A 514 25.96 11.45 16.30
CA THR A 514 26.41 10.32 15.55
C THR A 514 25.36 9.83 14.54
N LEU A 515 24.10 10.16 14.77
CA LEU A 515 23.01 9.69 13.91
C LEU A 515 23.11 10.09 12.41
N PRO A 516 22.71 9.16 11.52
CA PRO A 516 22.39 9.35 10.09
C PRO A 516 21.47 10.55 9.91
N ASP A 517 21.48 11.17 8.72
CA ASP A 517 20.76 12.42 8.51
C ASP A 517 19.29 12.20 8.66
N THR A 518 18.88 10.98 8.43
CA THR A 518 17.44 10.71 8.41
C THR A 518 16.92 10.68 9.81
N GLU A 519 17.64 9.97 10.68
CA GLU A 519 17.30 9.85 12.08
C GLU A 519 17.33 11.26 12.67
N LYS A 520 18.32 12.08 12.29
CA LYS A 520 18.36 13.44 12.77
C LYS A 520 17.12 14.20 12.35
N GLN A 521 16.63 13.95 11.13
CA GLN A 521 15.44 14.66 10.67
C GLN A 521 14.27 14.18 11.49
N ILE A 522 14.22 12.87 11.72
CA ILE A 522 13.12 12.30 12.49
C ILE A 522 13.03 12.90 13.90
N LYS A 523 14.20 13.13 14.53
CA LYS A 523 14.27 13.76 15.88
C LYS A 523 13.69 15.11 15.82
N LYS A 524 14.05 15.87 14.79
CA LYS A 524 13.52 17.22 14.63
C LYS A 524 12.02 17.27 14.32
N GLN A 525 11.59 16.37 13.42
CA GLN A 525 10.18 16.34 13.04
C GLN A 525 9.34 15.81 14.21
N THR A 526 9.90 14.91 14.99
CA THR A 526 9.26 14.48 16.24
C THR A 526 9.04 15.67 17.21
N ALA A 527 10.09 16.48 17.44
CA ALA A 527 9.99 17.68 18.26
C ALA A 527 8.89 18.57 17.72
N LEU A 528 8.87 18.73 16.39
CA LEU A 528 7.89 19.58 15.73
C LEU A 528 6.43 19.15 16.07
N VAL A 529 6.16 17.86 15.96
CA VAL A 529 4.80 17.36 16.32
C VAL A 529 4.48 17.63 17.76
N GLU A 530 5.49 17.47 18.58
CA GLU A 530 5.26 17.71 19.98
C GLU A 530 4.98 19.19 20.26
N LEU A 531 5.64 20.09 19.52
CA LEU A 531 5.32 21.51 19.69
C LEU A 531 3.83 21.79 19.50
N LEU A 532 3.27 21.15 18.47
CA LEU A 532 1.93 21.41 18.08
C LEU A 532 0.91 20.73 18.97
N LYS A 533 1.24 19.55 19.52
CA LYS A 533 0.36 18.82 20.45
C LYS A 533 0.17 19.61 21.73
N HIS A 534 1.20 20.38 22.06
CA HIS A 534 1.22 21.30 23.21
C HIS A 534 0.54 22.65 22.88
N LYS A 535 0.81 23.21 21.69
CA LYS A 535 0.31 24.50 21.28
C LYS A 535 -0.23 24.36 19.85
N PRO A 536 -1.43 23.79 19.68
CA PRO A 536 -1.78 23.57 18.28
C PRO A 536 -1.88 24.88 17.49
N LYS A 537 -2.10 26.02 18.16
CA LYS A 537 -2.27 27.31 17.47
C LYS A 537 -1.04 28.12 17.36
N ALA A 538 0.12 27.56 17.69
CA ALA A 538 1.40 28.27 17.52
C ALA A 538 1.52 28.86 16.13
N THR A 539 2.19 30.00 16.01
CA THR A 539 2.32 30.72 14.73
C THR A 539 3.51 30.17 14.01
N ASP A 540 3.56 30.34 12.69
CA ASP A 540 4.70 29.86 11.93
C ASP A 540 6.02 30.44 12.46
N GLU A 541 5.97 31.69 12.91
CA GLU A 541 7.14 32.41 13.39
C GLU A 541 7.61 31.73 14.65
N GLN A 542 6.67 31.47 15.60
CA GLN A 542 7.08 30.68 16.78
C GLN A 542 7.69 29.33 16.46
N LEU A 543 7.07 28.58 15.52
CA LEU A 543 7.59 27.26 15.18
C LEU A 543 8.98 27.41 14.59
N LYS A 544 9.19 28.34 13.65
CA LYS A 544 10.53 28.46 13.05
C LYS A 544 11.50 28.84 14.15
N THR A 545 11.08 29.75 15.01
CA THR A 545 11.99 30.19 16.04
C THR A 545 12.48 29.00 16.85
N VAL A 546 11.52 28.21 17.36
CA VAL A 546 11.84 27.09 18.24
C VAL A 546 12.78 26.13 17.52
N MET A 547 12.44 25.82 16.29
CA MET A 547 13.25 24.86 15.54
C MET A 547 14.66 25.39 15.14
N GLU A 548 14.74 26.66 14.79
CA GLU A 548 16.03 27.25 14.67
C GLU A 548 16.81 27.22 15.96
N ASN A 549 16.18 27.46 17.11
CA ASN A 549 16.95 27.35 18.36
C ASN A 549 17.39 25.89 18.62
N PHE A 550 16.51 24.95 18.25
CA PHE A 550 16.74 23.53 18.43
C PHE A 550 17.98 23.10 17.66
N VAL A 551 18.04 23.45 16.40
CA VAL A 551 19.18 23.08 15.56
C VAL A 551 20.45 23.78 16.08
N ALA A 552 20.33 25.10 16.29
CA ALA A 552 21.39 25.87 16.95
C ALA A 552 21.96 25.11 18.18
N PHE A 553 21.08 24.64 19.07
CA PHE A 553 21.52 23.99 20.32
C PHE A 553 22.31 22.70 20.07
N VAL A 554 21.72 21.81 19.27
CA VAL A 554 22.40 20.58 18.83
C VAL A 554 23.77 20.88 18.20
N ASP A 555 23.83 21.79 17.23
CA ASP A 555 25.10 22.22 16.68
C ASP A 555 26.12 22.52 17.77
N LYS A 556 25.70 23.41 18.66
CA LYS A 556 26.55 23.92 19.71
C LYS A 556 27.11 22.76 20.57
N CYS A 557 26.25 21.85 21.04
CA CYS A 557 26.74 20.72 21.86
C CYS A 557 27.55 19.70 21.08
N CYS A 558 27.14 19.42 19.83
CA CYS A 558 27.88 18.48 19.01
C CYS A 558 29.29 18.93 18.75
N ALA A 559 29.49 20.25 18.71
CA ALA A 559 30.82 20.84 18.56
C ALA A 559 31.60 20.99 19.89
N ALA A 560 30.97 20.68 21.02
CA ALA A 560 31.66 20.87 22.29
C ALA A 560 32.77 19.85 22.51
N ASP A 561 33.65 20.10 23.49
CA ASP A 561 34.72 19.15 23.83
C ASP A 561 34.15 18.00 24.60
N ASP A 562 33.30 18.34 25.57
CA ASP A 562 32.48 17.37 26.27
C ASP A 562 31.04 17.47 25.74
N LYS A 563 30.66 16.57 24.84
CA LYS A 563 29.32 16.65 24.23
C LYS A 563 28.21 16.32 25.25
N GLU A 564 28.31 15.14 25.85
CA GLU A 564 27.34 14.75 26.84
C GLU A 564 27.15 15.88 27.85
N GLY A 565 28.25 16.36 28.46
CA GLY A 565 28.23 17.45 29.44
C GLY A 565 27.45 18.67 28.97
N CYS A 566 27.67 19.11 27.74
CA CYS A 566 26.97 20.27 27.21
C CYS A 566 25.46 19.94 27.09
N PHE A 567 25.13 18.77 26.55
CA PHE A 567 23.72 18.34 26.43
C PHE A 567 22.98 18.30 27.75
N VAL A 568 23.58 17.67 28.74
CA VAL A 568 22.96 17.50 30.01
C VAL A 568 22.97 18.82 30.78
N LEU A 569 24.12 19.47 30.88
CA LEU A 569 24.17 20.72 31.64
C LEU A 569 23.51 21.92 30.96
N GLU A 570 23.58 22.01 29.64
CA GLU A 570 22.96 23.12 28.93
C GLU A 570 21.51 22.84 28.50
N GLY A 571 21.14 21.56 28.46
CA GLY A 571 19.86 21.16 27.89
C GLY A 571 18.67 21.90 28.44
N PRO A 572 18.65 22.14 29.77
CA PRO A 572 17.52 22.94 30.33
C PRO A 572 17.32 24.35 29.71
N LYS A 573 18.35 24.89 29.08
CA LYS A 573 18.22 26.21 28.47
C LYS A 573 17.36 26.12 27.23
N LEU A 574 17.54 25.06 26.43
CA LEU A 574 16.75 24.93 25.22
C LEU A 574 15.32 24.76 25.66
N VAL A 575 15.12 24.03 26.76
CA VAL A 575 13.77 23.74 27.18
C VAL A 575 13.12 25.09 27.53
N ALA A 576 13.83 25.88 28.34
CA ALA A 576 13.36 27.15 28.85
C ALA A 576 13.11 28.09 27.73
N SER A 577 14.04 28.12 26.77
CA SER A 577 13.87 29.10 25.70
C SER A 577 12.70 28.68 24.82
N THR A 578 12.44 27.36 24.73
CA THR A 578 11.44 26.93 23.79
C THR A 578 10.09 27.36 24.28
N GLN A 579 9.92 27.23 25.58
CA GLN A 579 8.71 27.63 26.22
C GLN A 579 8.47 29.15 26.23
N ALA A 580 9.56 29.91 26.33
CA ALA A 580 9.50 31.37 26.32
C ALA A 580 9.01 31.78 24.91
N ALA A 581 9.53 31.12 23.89
CA ALA A 581 9.12 31.40 22.54
C ALA A 581 7.66 31.06 22.26
N LEU A 582 7.07 30.12 22.99
CA LEU A 582 5.65 29.83 22.75
C LEU A 582 4.70 30.78 23.52
N ALA A 583 5.21 31.54 24.49
CA ALA A 583 4.37 32.59 25.13
C ALA A 583 3.85 33.61 24.08
#